data_3Q31
#
_entry.id   3Q31
#
_cell.length_a   80.240
_cell.length_b   80.240
_cell.length_c   247.480
_cell.angle_alpha   90.00
_cell.angle_beta   90.00
_cell.angle_gamma   90.00
#
_symmetry.space_group_name_H-M   'P 41 21 2'
#
loop_
_entity.id
_entity.type
_entity.pdbx_description
1 polymer 'Carbonic anhydrase'
2 non-polymer 'ZINC ION'
3 non-polymer 2-acetamido-2-deoxy-beta-D-glucopyranose
4 non-polymer D-MALATE
5 water water
#
_entity_poly.entity_id   1
_entity_poly.type   'polypeptide(L)'
_entity_poly.pdbx_seq_one_letter_code
;AAGGLDDANKFNYTGLGGPLNWYGLDEANEACAKGKHQSPIVIDSAAIDYAASGSLKLDLPLADGSKLENLGFGLQVTLT
NGSLTANSKTYTLAQFHFHTPSEHHVNEEHFPMEVHFVFQTAAKETAVVGFFFQLSEVGDSVPLFDSVFAPIDNIPDAGT
STTTGQLDFGGLLDHFNRHGVYQYTGSLTTPPCTEEVMWNLSTEPLPLTVQGYNKVKKIIKYNARYTQNALGQDNLLEVA
AQKL
;
_entity_poly.pdbx_strand_id   A,B
#
loop_
_chem_comp.id
_chem_comp.type
_chem_comp.name
_chem_comp.formula
MLT non-polymer D-MALATE 'C4 H6 O5'
NAG D-saccharide, beta linking 2-acetamido-2-deoxy-beta-D-glucopyranose 'C8 H15 N O6'
ZN non-polymer 'ZINC ION' 'Zn 2'
#
# COMPACT_ATOMS: atom_id res chain seq x y z
N ASN A 9 -9.60 -17.73 -7.83
N ASN A 9 -9.99 -21.02 -9.68
CA ASN A 9 -9.87 -16.34 -7.46
CA ASN A 9 -10.16 -19.97 -8.68
C ASN A 9 -9.78 -15.31 -8.61
C ASN A 9 -9.21 -18.79 -8.87
N LYS A 10 -10.96 -14.80 -9.02
N LYS A 10 -9.70 -17.61 -8.49
CA LYS A 10 -11.15 -13.91 -10.21
CA LYS A 10 -8.96 -16.34 -8.62
C LYS A 10 -10.91 -12.42 -9.97
C LYS A 10 -9.08 -15.49 -7.34
N PHE A 11 -10.28 -11.78 -10.94
N PHE A 11 -8.78 -14.20 -7.46
CA PHE A 11 -9.85 -10.38 -10.87
CA PHE A 11 -8.95 -13.21 -6.38
C PHE A 11 -9.71 -9.94 -9.40
C PHE A 11 -8.11 -11.96 -6.67
N ASN A 12 -8.62 -10.37 -8.76
N ASN A 12 -8.78 -10.84 -6.96
CA ASN A 12 -8.28 -10.07 -7.37
CA ASN A 12 -8.20 -9.80 -7.82
C ASN A 12 -7.12 -9.09 -7.27
C ASN A 12 -6.96 -8.98 -7.35
N TYR A 13 -6.52 -9.09 -6.09
CA TYR A 13 -5.27 -8.38 -5.77
C TYR A 13 -4.29 -9.30 -5.07
N THR A 14 -4.81 -10.47 -4.75
CA THR A 14 -4.07 -11.47 -4.01
C THR A 14 -3.52 -12.57 -4.92
N GLY A 15 -2.21 -12.76 -4.85
CA GLY A 15 -1.54 -13.90 -5.48
C GLY A 15 -1.89 -14.13 -6.92
N LEU A 16 -2.34 -15.35 -7.19
CA LEU A 16 -2.73 -15.72 -8.55
C LEU A 16 -3.81 -14.87 -9.20
N GLY A 17 -4.63 -14.22 -8.38
CA GLY A 17 -5.65 -13.33 -8.89
C GLY A 17 -5.16 -11.89 -9.05
N GLY A 18 -3.94 -11.63 -8.61
CA GLY A 18 -3.45 -10.26 -8.60
C GLY A 18 -2.72 -9.83 -9.85
N PRO A 19 -2.37 -8.54 -9.91
CA PRO A 19 -1.80 -7.80 -11.03
C PRO A 19 -0.64 -8.52 -11.69
N LEU A 20 0.15 -9.26 -10.93
CA LEU A 20 1.29 -9.92 -11.53
C LEU A 20 0.84 -11.02 -12.47
N ASN A 21 -0.38 -11.49 -12.28
CA ASN A 21 -0.90 -12.55 -13.12
C ASN A 21 -2.27 -12.24 -13.73
N TRP A 22 -2.50 -10.99 -14.12
CA TRP A 22 -3.78 -10.66 -14.72
C TRP A 22 -3.81 -11.17 -16.17
N TYR A 23 -2.67 -11.07 -16.85
CA TYR A 23 -2.58 -11.52 -18.23
C TYR A 23 -2.90 -12.98 -18.33
N GLY A 24 -2.44 -13.73 -17.32
CA GLY A 24 -2.63 -15.16 -17.28
C GLY A 24 -4.06 -15.48 -16.93
N LEU A 25 -4.83 -14.46 -16.55
CA LEU A 25 -6.25 -14.64 -16.26
C LEU A 25 -7.14 -14.66 -17.52
N ASP A 26 -6.66 -13.99 -18.56
CA ASP A 26 -7.40 -13.86 -19.80
C ASP A 26 -6.56 -13.06 -20.80
N GLU A 27 -6.39 -13.63 -21.99
CA GLU A 27 -5.47 -13.07 -22.97
C GLU A 27 -5.81 -11.62 -23.29
N ALA A 28 -7.03 -11.22 -22.96
CA ALA A 28 -7.50 -9.88 -23.27
C ALA A 28 -6.80 -8.87 -22.38
N ASN A 29 -5.82 -9.33 -21.62
CA ASN A 29 -5.18 -8.46 -20.66
C ASN A 29 -3.70 -8.17 -20.98
N GLU A 30 -3.30 -8.48 -22.20
CA GLU A 30 -1.95 -8.19 -22.70
C GLU A 30 -1.35 -6.88 -22.20
N ALA A 31 -2.11 -5.79 -22.26
CA ALA A 31 -1.58 -4.50 -21.85
C ALA A 31 -1.05 -4.54 -20.41
N CYS A 32 -1.80 -5.21 -19.53
CA CYS A 32 -1.43 -5.33 -18.12
C CYS A 32 0.04 -5.72 -18.02
N ALA A 33 0.45 -6.63 -18.90
CA ALA A 33 1.77 -7.23 -18.81
C ALA A 33 2.76 -6.71 -19.88
N LYS A 34 2.26 -6.27 -21.03
CA LYS A 34 3.17 -5.86 -22.10
C LYS A 34 3.14 -4.36 -22.37
N GLY A 35 2.24 -3.64 -21.70
CA GLY A 35 2.15 -2.20 -21.91
C GLY A 35 3.35 -1.39 -21.44
N LYS A 36 3.76 -0.43 -22.27
CA LYS A 36 4.79 0.54 -21.90
C LYS A 36 4.26 1.85 -21.31
N HIS A 37 2.94 1.95 -21.17
CA HIS A 37 2.34 3.13 -20.54
C HIS A 37 1.29 2.71 -19.53
N GLN A 38 1.69 1.86 -18.59
CA GLN A 38 0.80 1.35 -17.57
C GLN A 38 0.68 2.29 -16.36
N SER A 39 -0.47 2.22 -15.69
CA SER A 39 -0.76 2.99 -14.49
C SER A 39 -1.00 2.01 -13.34
N PRO A 40 -0.78 2.46 -12.09
CA PRO A 40 -0.33 3.79 -11.63
C PRO A 40 1.16 3.98 -11.79
N ILE A 41 1.61 5.23 -11.69
CA ILE A 41 3.04 5.49 -11.73
C ILE A 41 3.45 6.42 -10.62
N VAL A 42 4.75 6.45 -10.35
CA VAL A 42 5.24 7.40 -9.36
C VAL A 42 5.42 8.73 -10.03
N ILE A 43 4.62 9.70 -9.60
CA ILE A 43 4.67 11.01 -10.19
C ILE A 43 5.80 11.80 -9.62
N ASP A 44 6.61 12.37 -10.49
CA ASP A 44 7.71 13.21 -10.05
C ASP A 44 7.25 14.65 -10.22
N SER A 45 6.78 15.26 -9.15
CA SER A 45 6.24 16.62 -9.24
C SER A 45 7.05 17.64 -10.07
N ALA A 46 8.39 17.57 -10.04
CA ALA A 46 9.16 18.54 -10.84
C ALA A 46 9.40 18.05 -12.27
N ALA A 47 8.76 16.96 -12.66
CA ALA A 47 8.92 16.44 -14.01
C ALA A 47 7.64 16.25 -14.87
N ILE A 48 6.47 15.99 -14.26
CA ILE A 48 5.23 15.81 -15.04
C ILE A 48 4.75 17.13 -15.65
N ASP A 49 3.77 17.05 -16.54
CA ASP A 49 3.14 18.27 -17.04
C ASP A 49 1.93 18.58 -16.20
N TYR A 50 1.70 19.86 -15.98
CA TYR A 50 0.51 20.30 -15.28
C TYR A 50 -0.50 20.76 -16.33
N ALA A 51 -1.72 20.24 -16.23
CA ALA A 51 -2.79 20.73 -17.07
C ALA A 51 -2.72 22.25 -17.17
N ALA A 52 -2.72 22.76 -18.40
CA ALA A 52 -2.65 24.20 -18.60
C ALA A 52 -3.96 24.84 -18.11
N SER A 53 -3.86 26.03 -17.52
CA SER A 53 -5.04 26.66 -16.94
C SER A 53 -6.14 26.93 -18.00
N GLY A 54 -7.38 26.56 -17.65
CA GLY A 54 -8.50 26.70 -18.56
C GLY A 54 -8.51 25.68 -19.67
N SER A 55 -7.68 24.66 -19.57
CA SER A 55 -7.67 23.59 -20.56
C SER A 55 -8.63 22.51 -20.09
N LEU A 56 -9.04 22.61 -18.82
CA LEU A 56 -9.80 21.56 -18.17
C LEU A 56 -11.07 22.09 -17.54
N LYS A 57 -12.21 21.54 -17.94
CA LYS A 57 -13.50 21.99 -17.43
C LYS A 57 -14.24 20.82 -16.83
N LEU A 58 -14.37 20.83 -15.51
CA LEU A 58 -15.03 19.74 -14.81
C LEU A 58 -16.39 20.17 -14.33
N ASP A 59 -17.42 19.49 -14.83
CA ASP A 59 -18.81 19.79 -14.44
C ASP A 59 -19.42 18.67 -13.58
N LEU A 60 -19.83 19.00 -12.36
CA LEU A 60 -20.42 17.99 -11.46
C LEU A 60 -21.70 18.52 -10.81
N PRO A 61 -22.81 18.29 -11.46
CA PRO A 61 -24.08 18.83 -11.02
C PRO A 61 -24.59 18.05 -9.81
N LEU A 62 -25.32 18.75 -8.94
CA LEU A 62 -25.94 18.14 -7.77
C LEU A 62 -26.70 16.86 -8.15
N ALA A 63 -26.53 15.84 -7.33
CA ALA A 63 -27.17 14.56 -7.62
C ALA A 63 -27.95 14.02 -6.44
N ASP A 64 -28.97 13.24 -6.75
CA ASP A 64 -29.75 12.54 -5.72
C ASP A 64 -28.98 11.33 -5.26
N GLY A 65 -29.47 10.66 -4.24
CA GLY A 65 -28.84 9.41 -3.80
C GLY A 65 -28.52 8.53 -4.99
N SER A 66 -27.34 7.90 -4.99
CA SER A 66 -26.99 7.05 -6.11
C SER A 66 -26.39 5.74 -5.65
N LYS A 67 -26.39 4.78 -6.56
CA LYS A 67 -25.98 3.41 -6.26
C LYS A 67 -24.52 3.33 -5.76
N LEU A 68 -24.34 3.07 -4.47
CA LEU A 68 -23.03 2.79 -3.88
C LEU A 68 -22.89 1.29 -3.74
N GLU A 69 -21.93 0.66 -4.41
CA GLU A 69 -21.88 -0.79 -4.33
C GLU A 69 -20.55 -1.38 -3.84
N ASN A 70 -20.66 -2.48 -3.11
CA ASN A 70 -19.50 -3.22 -2.70
C ASN A 70 -19.02 -4.14 -3.84
N LEU A 71 -18.06 -3.63 -4.62
CA LEU A 71 -17.49 -4.41 -5.71
C LEU A 71 -16.84 -5.72 -5.28
N GLY A 72 -16.47 -5.82 -4.01
CA GLY A 72 -15.50 -6.83 -3.60
C GLY A 72 -14.11 -6.32 -3.96
N PHE A 73 -13.37 -5.86 -2.97
CA PHE A 73 -12.09 -5.20 -3.20
C PHE A 73 -12.32 -3.94 -3.99
N GLY A 74 -13.36 -3.21 -3.61
CA GLY A 74 -13.74 -2.02 -4.35
C GLY A 74 -15.03 -1.42 -3.83
N LEU A 75 -15.16 -0.11 -4.04
CA LEU A 75 -16.29 0.67 -3.55
C LEU A 75 -16.55 1.73 -4.59
N GLN A 76 -17.70 1.61 -5.25
CA GLN A 76 -17.99 2.42 -6.42
C GLN A 76 -19.39 3.03 -6.39
N VAL A 77 -19.43 4.31 -6.75
CA VAL A 77 -20.68 5.02 -6.89
C VAL A 77 -21.02 5.14 -8.36
N THR A 78 -22.20 4.70 -8.73
CA THR A 78 -22.60 4.88 -10.13
C THR A 78 -23.32 6.21 -10.35
N LEU A 79 -22.78 7.03 -11.24
CA LEU A 79 -23.36 8.35 -11.50
C LEU A 79 -23.08 8.82 -12.92
N THR A 80 -24.12 9.26 -13.62
CA THR A 80 -24.00 9.58 -15.05
C THR A 80 -24.24 11.04 -15.40
N ASN A 81 -24.47 11.87 -14.39
CA ASN A 81 -24.55 13.30 -14.57
C ASN A 81 -23.21 13.97 -14.23
N GLY A 82 -22.39 14.20 -15.26
CA GLY A 82 -21.16 14.95 -15.09
C GLY A 82 -20.26 14.92 -16.31
N SER A 83 -19.42 15.92 -16.48
CA SER A 83 -18.53 15.92 -17.62
C SER A 83 -17.17 16.56 -17.36
N LEU A 84 -16.24 16.24 -18.26
CA LEU A 84 -14.89 16.77 -18.24
C LEU A 84 -14.57 17.15 -19.66
N THR A 85 -14.24 18.42 -19.87
CA THR A 85 -13.91 18.90 -21.20
C THR A 85 -12.46 19.26 -21.33
N ALA A 86 -11.75 18.46 -22.13
CA ALA A 86 -10.32 18.61 -22.30
C ALA A 86 -10.06 19.25 -23.63
N ASN A 87 -10.00 20.57 -23.61
CA ASN A 87 -9.94 21.36 -24.84
C ASN A 87 -11.25 21.15 -25.59
N SER A 88 -11.20 20.42 -26.69
CA SER A 88 -12.34 20.31 -27.57
C SER A 88 -13.10 19.02 -27.39
N LYS A 89 -12.54 18.12 -26.60
CA LYS A 89 -13.11 16.80 -26.42
C LYS A 89 -13.82 16.69 -25.07
N THR A 90 -15.07 16.20 -25.10
CA THR A 90 -15.89 16.14 -23.90
C THR A 90 -16.15 14.71 -23.47
N TYR A 91 -15.77 14.36 -22.24
CA TYR A 91 -16.00 13.03 -21.69
C TYR A 91 -17.13 13.16 -20.69
N THR A 92 -17.97 12.13 -20.59
CA THR A 92 -19.13 12.20 -19.73
C THR A 92 -18.95 11.16 -18.64
N LEU A 93 -19.50 11.43 -17.46
CA LEU A 93 -19.18 10.65 -16.25
C LEU A 93 -19.88 9.29 -16.16
N ALA A 94 -19.10 8.25 -15.90
CA ALA A 94 -19.63 6.90 -15.83
C ALA A 94 -19.84 6.47 -14.40
N GLN A 95 -18.86 6.77 -13.55
CA GLN A 95 -18.82 6.34 -12.14
C GLN A 95 -17.59 6.89 -11.44
N PHE A 96 -17.63 6.94 -10.11
CA PHE A 96 -16.38 7.16 -9.38
C PHE A 96 -16.16 6.11 -8.28
N HIS A 97 -14.91 5.90 -7.90
CA HIS A 97 -14.60 4.84 -6.95
C HIS A 97 -13.30 5.08 -6.17
N PHE A 98 -13.05 4.20 -5.21
CA PHE A 98 -11.99 4.44 -4.26
C PHE A 98 -10.98 3.34 -4.22
N HIS A 99 -9.74 3.73 -3.96
CA HIS A 99 -8.64 2.81 -3.74
C HIS A 99 -7.98 3.13 -2.42
N THR A 100 -7.60 2.08 -1.72
CA THR A 100 -6.90 2.21 -0.48
C THR A 100 -5.87 1.06 -0.36
N PRO A 101 -4.56 1.39 -0.28
CA PRO A 101 -3.97 2.74 -0.31
C PRO A 101 -4.10 3.38 -1.67
N SER A 102 -3.61 4.60 -1.80
CA SER A 102 -3.59 5.24 -3.10
C SER A 102 -2.85 4.35 -4.07
N GLU A 103 -3.01 4.59 -5.36
CA GLU A 103 -2.33 3.79 -6.36
C GLU A 103 -1.13 4.56 -6.85
N HIS A 104 -1.35 5.84 -7.14
CA HIS A 104 -0.24 6.73 -7.50
C HIS A 104 0.52 7.14 -6.25
N HIS A 105 1.77 7.54 -6.45
CA HIS A 105 2.62 8.13 -5.40
C HIS A 105 3.19 9.45 -5.92
N VAL A 106 3.42 10.41 -5.03
CA VAL A 106 4.04 11.68 -5.41
C VAL A 106 5.40 11.84 -4.74
N ASN A 107 6.43 12.00 -5.58
CA ASN A 107 7.80 12.06 -5.09
C ASN A 107 8.03 10.87 -4.18
N GLU A 108 7.46 9.75 -4.62
CA GLU A 108 7.50 8.43 -3.97
C GLU A 108 6.58 8.22 -2.78
N GLU A 109 5.95 9.28 -2.31
CA GLU A 109 5.09 9.15 -1.12
C GLU A 109 3.67 8.68 -1.47
N HIS A 110 3.20 7.64 -0.81
CA HIS A 110 1.85 7.18 -1.06
C HIS A 110 0.85 7.89 -0.15
N PHE A 111 -0.43 7.60 -0.32
CA PHE A 111 -1.48 8.18 0.52
C PHE A 111 -2.47 7.10 0.91
N PRO A 112 -3.18 7.33 2.00
CA PRO A 112 -4.08 6.31 2.53
C PRO A 112 -5.22 6.02 1.54
N MET A 113 -5.61 7.00 0.73
CA MET A 113 -6.73 6.81 -0.21
C MET A 113 -6.66 7.62 -1.49
N GLU A 114 -7.23 7.05 -2.56
CA GLU A 114 -7.35 7.73 -3.85
C GLU A 114 -8.75 7.55 -4.43
N VAL A 115 -9.38 8.64 -4.92
CA VAL A 115 -10.63 8.56 -5.71
C VAL A 115 -10.42 8.71 -7.20
N HIS A 116 -11.18 7.92 -7.95
CA HIS A 116 -11.13 7.96 -9.40
C HIS A 116 -12.49 8.32 -9.96
N PHE A 117 -12.56 9.43 -10.68
CA PHE A 117 -13.77 9.76 -11.41
C PHE A 117 -13.50 9.37 -12.85
N VAL A 118 -14.31 8.44 -13.36
CA VAL A 118 -14.09 7.90 -14.69
C VAL A 118 -15.07 8.45 -15.72
N PHE A 119 -14.51 9.07 -16.77
CA PHE A 119 -15.30 9.69 -17.83
C PHE A 119 -15.03 9.03 -19.17
N GLN A 120 -16.01 9.07 -20.06
CA GLN A 120 -15.88 8.48 -21.40
C GLN A 120 -16.47 9.34 -22.51
N THR A 121 -16.05 9.08 -23.74
CA THR A 121 -16.72 9.62 -24.91
C THR A 121 -17.42 8.50 -25.67
N ALA A 122 -18.19 8.88 -26.70
CA ALA A 122 -18.86 7.88 -27.54
C ALA A 122 -17.84 6.97 -28.26
N ALA A 123 -16.64 7.49 -28.46
CA ALA A 123 -15.53 6.73 -29.02
C ALA A 123 -14.88 5.84 -27.94
N LYS A 124 -15.51 5.75 -26.77
CA LYS A 124 -14.92 4.96 -25.70
C LYS A 124 -13.44 5.32 -25.42
N GLU A 125 -13.10 6.58 -25.63
CA GLU A 125 -11.84 7.14 -25.16
C GLU A 125 -12.12 7.49 -23.72
N THR A 126 -11.14 7.29 -22.84
CA THR A 126 -11.33 7.51 -21.40
C THR A 126 -10.45 8.62 -20.84
N ALA A 127 -10.95 9.29 -19.81
CA ALA A 127 -10.16 10.25 -19.03
C ALA A 127 -10.52 10.05 -17.57
N VAL A 128 -9.56 10.30 -16.67
CA VAL A 128 -9.84 10.20 -15.25
C VAL A 128 -9.54 11.50 -14.51
N VAL A 129 -10.37 11.78 -13.51
CA VAL A 129 -10.01 12.80 -12.54
C VAL A 129 -9.83 12.14 -11.19
N GLY A 130 -8.64 12.31 -10.61
CA GLY A 130 -8.27 11.63 -9.38
C GLY A 130 -8.01 12.61 -8.26
N PHE A 131 -8.30 12.19 -7.04
CA PHE A 131 -7.91 12.96 -5.87
C PHE A 131 -7.17 12.12 -4.84
N PHE A 132 -6.19 12.73 -4.19
CA PHE A 132 -5.46 12.07 -3.13
C PHE A 132 -6.09 12.42 -1.82
N PHE A 133 -6.13 11.46 -0.91
CA PHE A 133 -6.57 11.75 0.46
C PHE A 133 -5.42 11.76 1.43
N GLN A 134 -5.45 12.65 2.40
CA GLN A 134 -4.45 12.64 3.48
C GLN A 134 -5.12 12.76 4.85
N LEU A 135 -4.80 11.87 5.78
CA LEU A 135 -5.43 11.91 7.10
C LEU A 135 -5.32 13.30 7.73
N SER A 136 -6.43 13.84 8.19
CA SER A 136 -6.44 15.16 8.81
C SER A 136 -6.16 15.03 10.28
N GLU A 137 -5.13 15.76 10.72
CA GLU A 137 -4.78 15.82 12.14
C GLU A 137 -5.96 16.27 12.99
N VAL A 138 -6.67 17.29 12.49
CA VAL A 138 -7.69 18.00 13.25
C VAL A 138 -9.13 17.49 13.07
N GLY A 139 -9.27 16.35 12.41
CA GLY A 139 -10.58 15.72 12.24
C GLY A 139 -11.39 16.22 11.06
N ASP A 140 -10.76 16.99 10.17
CA ASP A 140 -11.44 17.61 9.05
C ASP A 140 -11.90 16.63 7.99
N SER A 141 -12.97 16.97 7.29
CA SER A 141 -13.53 16.03 6.32
C SER A 141 -14.07 16.73 5.09
N VAL A 142 -14.34 15.94 4.06
CA VAL A 142 -15.06 16.42 2.89
C VAL A 142 -16.50 15.94 2.94
N PRO A 143 -17.43 16.84 3.28
CA PRO A 143 -18.84 16.49 3.46
C PRO A 143 -19.36 15.67 2.28
N LEU A 144 -18.96 16.03 1.06
CA LEU A 144 -19.33 15.21 -0.09
C LEU A 144 -19.11 13.73 0.22
N PHE A 145 -17.85 13.39 0.51
CA PHE A 145 -17.43 12.02 0.72
C PHE A 145 -17.96 11.44 2.01
N ASP A 146 -18.25 12.31 2.96
CA ASP A 146 -18.92 11.86 4.16
C ASP A 146 -20.23 11.32 3.72
N SER A 147 -20.91 12.09 2.88
CA SER A 147 -22.21 11.69 2.34
C SER A 147 -22.07 10.36 1.58
N VAL A 148 -21.03 10.24 0.75
CA VAL A 148 -20.78 8.97 0.05
C VAL A 148 -20.58 7.80 1.00
N PHE A 149 -19.80 8.01 2.05
CA PHE A 149 -19.39 6.91 2.94
C PHE A 149 -20.47 6.53 3.96
N ALA A 150 -21.36 7.47 4.26
CA ALA A 150 -22.44 7.26 5.23
C ALA A 150 -23.05 5.83 5.28
N PRO A 151 -23.44 5.29 4.12
CA PRO A 151 -24.21 4.04 4.08
C PRO A 151 -23.37 2.77 4.12
N ILE A 152 -22.06 2.87 4.25
CA ILE A 152 -21.21 1.69 4.09
C ILE A 152 -21.67 0.48 4.93
N ASP A 153 -22.31 0.75 6.06
CA ASP A 153 -22.72 -0.31 6.96
C ASP A 153 -23.75 -1.24 6.32
N ASN A 154 -24.29 -0.82 5.18
CA ASN A 154 -25.32 -1.57 4.51
C ASN A 154 -24.78 -2.57 3.50
N ILE A 155 -23.51 -2.41 3.13
CA ILE A 155 -22.96 -3.24 2.06
C ILE A 155 -21.70 -4.02 2.42
N PRO A 156 -21.76 -4.83 3.48
CA PRO A 156 -20.58 -5.57 3.95
C PRO A 156 -20.16 -6.64 2.96
N ASP A 157 -21.12 -7.29 2.33
CA ASP A 157 -20.79 -8.33 1.36
C ASP A 157 -20.42 -7.76 0.01
N ALA A 158 -19.53 -8.45 -0.68
CA ALA A 158 -19.30 -8.15 -2.07
C ALA A 158 -20.58 -8.41 -2.85
N GLY A 159 -20.82 -7.65 -3.91
CA GLY A 159 -21.98 -7.86 -4.76
C GLY A 159 -23.30 -7.25 -4.27
N THR A 160 -23.26 -6.63 -3.10
CA THR A 160 -24.44 -5.93 -2.59
C THR A 160 -24.30 -4.42 -2.85
N SER A 161 -25.42 -3.71 -2.84
CA SER A 161 -25.43 -2.29 -3.18
C SER A 161 -26.33 -1.55 -2.20
N THR A 162 -26.21 -0.23 -2.18
CA THR A 162 -27.08 0.62 -1.38
C THR A 162 -27.15 2.01 -2.02
N THR A 163 -27.64 3.01 -1.27
CA THR A 163 -27.85 4.32 -1.87
C THR A 163 -27.33 5.43 -1.01
N THR A 164 -26.53 6.30 -1.60
CA THR A 164 -25.96 7.43 -0.88
C THR A 164 -27.00 8.49 -0.58
N GLY A 165 -26.57 9.51 0.16
CA GLY A 165 -27.39 10.68 0.37
C GLY A 165 -27.26 11.58 -0.85
N GLN A 166 -27.73 12.80 -0.71
CA GLN A 166 -27.55 13.77 -1.78
C GLN A 166 -26.07 14.09 -1.89
N LEU A 167 -25.58 14.06 -3.13
CA LEU A 167 -24.19 14.32 -3.44
C LEU A 167 -23.98 15.73 -4.01
N ASP A 168 -23.44 16.62 -3.20
CA ASP A 168 -23.20 18.00 -3.60
C ASP A 168 -21.70 18.23 -3.75
N PHE A 169 -21.28 18.43 -5.00
CA PHE A 169 -19.86 18.51 -5.38
C PHE A 169 -19.28 19.94 -5.36
N GLY A 170 -20.02 20.87 -4.77
CA GLY A 170 -19.58 22.25 -4.70
C GLY A 170 -18.17 22.35 -4.20
N GLY A 171 -17.88 21.67 -3.10
CA GLY A 171 -16.57 21.75 -2.49
C GLY A 171 -15.50 21.13 -3.35
N LEU A 172 -15.76 19.91 -3.79
CA LEU A 172 -14.77 19.14 -4.52
C LEU A 172 -14.39 19.95 -5.70
N LEU A 173 -15.44 20.33 -6.44
CA LEU A 173 -15.32 21.17 -7.64
C LEU A 173 -14.28 22.25 -7.43
N ASP A 174 -14.51 23.15 -6.50
CA ASP A 174 -13.67 24.31 -6.56
C ASP A 174 -12.32 24.10 -5.86
N HIS A 175 -12.20 22.97 -5.17
CA HIS A 175 -10.88 22.48 -4.78
C HIS A 175 -10.13 22.15 -6.04
N PHE A 176 -10.74 21.33 -6.87
CA PHE A 176 -10.14 20.96 -8.13
C PHE A 176 -9.75 22.21 -8.92
N ASN A 177 -10.53 23.26 -8.77
CA ASN A 177 -10.26 24.44 -9.58
C ASN A 177 -9.19 25.34 -9.00
N ARG A 178 -9.06 25.32 -7.67
CA ARG A 178 -8.07 26.13 -6.97
C ARG A 178 -6.67 25.53 -6.94
N HIS A 179 -6.49 24.33 -7.48
CA HIS A 179 -5.18 23.69 -7.44
C HIS A 179 -4.68 23.15 -8.78
N GLY A 180 -3.38 22.86 -8.81
CA GLY A 180 -2.74 22.29 -9.98
C GLY A 180 -3.29 20.92 -10.32
N VAL A 181 -2.93 20.42 -11.50
CA VAL A 181 -3.46 19.15 -11.94
C VAL A 181 -2.39 18.38 -12.67
N TYR A 182 -1.82 17.39 -12.00
CA TYR A 182 -0.81 16.55 -12.61
C TYR A 182 -1.48 15.91 -13.80
N GLN A 183 -0.78 15.84 -14.92
CA GLN A 183 -1.39 15.31 -16.12
C GLN A 183 -0.44 14.38 -16.85
N TYR A 184 -0.96 13.25 -17.30
CA TYR A 184 -0.16 12.34 -18.10
C TYR A 184 -1.07 11.34 -18.79
N THR A 185 -0.51 10.58 -19.72
CA THR A 185 -1.28 9.65 -20.51
C THR A 185 -0.85 8.24 -20.14
N GLY A 186 -1.78 7.47 -19.60
CA GLY A 186 -1.46 6.16 -19.09
C GLY A 186 -2.51 5.12 -19.39
N SER A 187 -2.97 4.42 -18.37
CA SER A 187 -3.86 3.30 -18.58
C SER A 187 -4.86 3.13 -17.45
N LEU A 188 -5.71 2.12 -17.60
CA LEU A 188 -6.61 1.70 -16.55
C LEU A 188 -5.79 0.96 -15.52
N THR A 189 -6.13 1.11 -14.25
CA THR A 189 -5.38 0.42 -13.21
C THR A 189 -6.04 -0.91 -12.88
N THR A 190 -6.99 -1.31 -13.73
CA THR A 190 -7.62 -2.60 -13.60
C THR A 190 -7.67 -3.23 -14.98
N PRO A 191 -7.83 -4.55 -15.05
CA PRO A 191 -7.86 -5.23 -16.33
C PRO A 191 -9.04 -4.72 -17.15
N PRO A 192 -8.82 -4.53 -18.46
CA PRO A 192 -7.59 -4.97 -19.11
C PRO A 192 -6.56 -3.85 -19.24
N CYS A 193 -6.49 -2.94 -18.26
CA CYS A 193 -5.40 -1.96 -18.24
C CYS A 193 -5.26 -1.26 -19.59
N THR A 194 -6.37 -1.02 -20.26
CA THR A 194 -6.37 -0.41 -21.58
C THR A 194 -5.61 0.91 -21.56
N GLU A 195 -4.79 1.14 -22.59
CA GLU A 195 -3.94 2.33 -22.58
C GLU A 195 -4.65 3.51 -23.20
N GLU A 196 -3.96 4.63 -23.25
CA GLU A 196 -4.51 5.86 -23.80
C GLU A 196 -5.54 6.53 -22.88
N VAL A 197 -5.37 6.33 -21.57
CA VAL A 197 -6.22 7.01 -20.60
C VAL A 197 -5.65 8.38 -20.28
N MET A 198 -6.52 9.37 -20.16
CA MET A 198 -6.06 10.70 -19.87
C MET A 198 -6.13 10.93 -18.39
N TRP A 199 -4.97 10.97 -17.76
CA TRP A 199 -4.91 11.07 -16.33
C TRP A 199 -4.81 12.51 -15.85
N ASN A 200 -5.71 12.88 -14.95
CA ASN A 200 -5.69 14.19 -14.35
C ASN A 200 -5.82 14.05 -12.86
N LEU A 201 -4.77 14.42 -12.14
CA LEU A 201 -4.72 14.24 -10.69
C LEU A 201 -4.54 15.57 -9.96
N SER A 202 -5.52 15.93 -9.14
CA SER A 202 -5.42 17.14 -8.37
C SER A 202 -4.13 17.08 -7.54
N THR A 203 -3.36 18.16 -7.52
CA THR A 203 -2.08 18.12 -6.79
C THR A 203 -2.22 18.21 -5.29
N GLU A 204 -3.42 18.49 -4.79
CA GLU A 204 -3.58 18.80 -3.38
C GLU A 204 -4.60 17.92 -2.70
N PRO A 205 -4.13 17.12 -1.73
CA PRO A 205 -4.93 16.04 -1.14
C PRO A 205 -6.12 16.56 -0.36
N LEU A 206 -7.19 15.77 -0.37
CA LEU A 206 -8.36 16.05 0.42
C LEU A 206 -8.18 15.52 1.86
N PRO A 207 -8.81 16.19 2.83
CA PRO A 207 -8.92 15.77 4.23
C PRO A 207 -9.62 14.43 4.35
N LEU A 208 -9.10 13.56 5.20
CA LEU A 208 -9.75 12.30 5.49
C LEU A 208 -9.70 12.10 6.99
N THR A 209 -10.73 11.48 7.55
CA THR A 209 -10.76 11.22 8.99
C THR A 209 -10.48 9.77 9.29
N VAL A 210 -9.88 9.53 10.45
CA VAL A 210 -9.62 8.16 10.89
C VAL A 210 -10.89 7.32 10.77
N GLN A 211 -12.00 7.85 11.27
CA GLN A 211 -13.22 7.05 11.28
C GLN A 211 -13.57 6.57 9.87
N GLY A 212 -13.50 7.50 8.93
CA GLY A 212 -13.77 7.21 7.53
C GLY A 212 -12.79 6.22 6.93
N TYR A 213 -11.48 6.51 7.08
CA TYR A 213 -10.42 5.66 6.55
C TYR A 213 -10.58 4.21 7.00
N ASN A 214 -10.85 4.01 8.27
CA ASN A 214 -10.97 2.66 8.78
C ASN A 214 -12.21 1.98 8.23
N LYS A 215 -13.32 2.73 8.23
CA LYS A 215 -14.59 2.24 7.70
C LYS A 215 -14.42 1.68 6.28
N VAL A 216 -13.78 2.48 5.43
CA VAL A 216 -13.57 2.12 4.04
C VAL A 216 -12.58 0.96 3.89
N LYS A 217 -11.41 1.10 4.55
CA LYS A 217 -10.36 0.09 4.52
C LYS A 217 -10.86 -1.30 4.84
N LYS A 218 -11.74 -1.38 5.84
CA LYS A 218 -12.35 -2.65 6.22
C LYS A 218 -13.24 -3.22 5.11
N ILE A 219 -13.91 -2.36 4.35
CA ILE A 219 -14.73 -2.83 3.24
C ILE A 219 -13.86 -3.18 2.05
N ILE A 220 -12.99 -2.27 1.66
CA ILE A 220 -12.22 -2.50 0.44
C ILE A 220 -11.11 -3.51 0.66
N LYS A 221 -10.54 -3.49 1.87
CA LYS A 221 -9.42 -4.36 2.26
C LYS A 221 -8.05 -3.92 1.73
N TYR A 222 -7.84 -4.07 0.43
CA TYR A 222 -6.63 -3.58 -0.24
C TYR A 222 -6.96 -3.75 -1.70
N ASN A 223 -6.73 -2.69 -2.49
CA ASN A 223 -7.09 -2.74 -3.89
C ASN A 223 -6.25 -1.81 -4.76
N ALA A 224 -4.95 -1.81 -4.54
CA ALA A 224 -4.08 -0.94 -5.31
C ALA A 224 -3.11 -1.74 -6.13
N ARG A 225 -3.00 -1.37 -7.40
CA ARG A 225 -1.98 -1.91 -8.28
C ARG A 225 -0.59 -1.34 -7.96
N TYR A 226 0.39 -2.23 -7.85
CA TYR A 226 1.76 -1.78 -7.66
C TYR A 226 2.13 -0.75 -8.75
N THR A 227 3.07 0.14 -8.43
CA THR A 227 3.48 1.15 -9.43
C THR A 227 4.29 0.56 -10.61
N GLN A 228 4.24 1.24 -11.75
CA GLN A 228 4.80 0.70 -12.99
C GLN A 228 6.16 1.25 -13.34
N ASN A 229 6.75 0.71 -14.40
CA ASN A 229 7.96 1.29 -14.96
C ASN A 229 7.66 2.72 -15.38
N ALA A 230 8.68 3.47 -15.78
CA ALA A 230 8.43 4.80 -16.31
C ALA A 230 7.67 4.68 -17.62
N LEU A 231 7.14 5.81 -18.08
CA LEU A 231 6.32 5.80 -19.28
C LEU A 231 7.19 5.54 -20.47
N GLY A 232 6.74 4.66 -21.35
CA GLY A 232 7.52 4.32 -22.52
C GLY A 232 8.44 3.15 -22.24
N GLN A 233 8.96 3.08 -21.02
CA GLN A 233 9.75 1.91 -20.61
C GLN A 233 8.98 0.58 -20.60
N ASP A 234 9.69 -0.50 -20.91
CA ASP A 234 9.09 -1.83 -20.93
C ASP A 234 8.30 -2.08 -19.68
N ASN A 235 7.12 -2.69 -19.86
CA ASN A 235 6.37 -3.13 -18.71
C ASN A 235 7.35 -3.86 -17.82
N LEU A 236 7.38 -3.52 -16.55
CA LEU A 236 8.40 -4.15 -15.72
C LEU A 236 8.03 -5.56 -15.24
N LEU A 237 7.21 -6.26 -16.02
CA LEU A 237 7.06 -7.70 -15.89
C LEU A 237 7.82 -8.35 -17.03
N GLU A 238 7.74 -7.75 -18.21
CA GLU A 238 8.56 -8.18 -19.32
C GLU A 238 10.03 -8.02 -18.97
N VAL A 239 10.34 -6.98 -18.22
CA VAL A 239 11.69 -6.76 -17.71
C VAL A 239 12.11 -7.92 -16.83
N ALA A 240 11.24 -8.28 -15.89
CA ALA A 240 11.46 -9.40 -15.01
C ALA A 240 11.53 -10.73 -15.76
N ALA A 241 11.04 -10.73 -16.99
CA ALA A 241 10.90 -11.98 -17.74
C ALA A 241 12.21 -12.58 -18.29
N GLN A 242 13.36 -12.08 -17.84
CA GLN A 242 14.63 -12.80 -18.03
C GLN A 242 15.30 -13.20 -16.70
N LYS A 243 15.19 -14.47 -16.35
CA LYS A 243 14.69 -15.50 -17.26
C LYS A 243 13.72 -16.49 -16.59
N LEU A 244 13.50 -17.61 -17.29
CA LEU A 244 12.83 -18.84 -16.81
C LEU A 244 11.42 -18.63 -16.25
N ASN B 9 19.00 3.66 -9.89
N ASN B 9 21.79 3.37 -12.43
CA ASN B 9 18.39 3.61 -8.55
CA ASN B 9 20.87 3.93 -11.45
C ASN B 9 18.52 2.26 -7.78
C ASN B 9 19.77 2.97 -11.02
N LYS B 10 19.36 2.26 -6.73
N LYS B 10 19.39 3.10 -9.74
CA LYS B 10 19.74 1.05 -5.96
CA LYS B 10 18.37 2.24 -9.10
C LYS B 10 18.78 0.65 -4.82
C LYS B 10 17.37 3.08 -8.27
N PHE B 11 18.58 -0.67 -4.69
N PHE B 11 16.66 2.42 -7.36
CA PHE B 11 17.61 -1.25 -3.76
CA PHE B 11 15.77 3.06 -6.39
C PHE B 11 16.50 -0.24 -3.40
C PHE B 11 14.79 2.02 -5.82
N ASN B 12 15.58 -0.04 -4.34
N ASN B 12 14.92 1.69 -4.54
CA ASN B 12 14.44 0.86 -4.20
CA ASN B 12 14.51 0.37 -4.04
C ASN B 12 13.13 0.10 -4.03
C ASN B 12 13.01 -0.06 -4.01
N TYR B 13 12.05 0.83 -4.28
CA TYR B 13 10.67 0.34 -4.36
C TYR B 13 10.00 0.81 -5.64
N THR B 14 10.70 1.68 -6.35
CA THR B 14 10.17 2.32 -7.53
C THR B 14 10.77 1.70 -8.81
N GLY B 15 9.89 1.23 -9.66
CA GLY B 15 10.27 0.84 -11.01
C GLY B 15 11.41 -0.14 -11.08
N LEU B 16 12.46 0.24 -11.82
CA LEU B 16 13.62 -0.62 -12.03
C LEU B 16 14.36 -0.98 -10.75
N GLY B 17 14.25 -0.15 -9.73
CA GLY B 17 14.85 -0.44 -8.45
C GLY B 17 13.95 -1.25 -7.53
N GLY B 18 12.71 -1.51 -7.96
CA GLY B 18 11.73 -2.13 -7.11
C GLY B 18 11.72 -3.64 -7.20
N PRO B 19 10.94 -4.27 -6.32
CA PRO B 19 10.82 -5.73 -6.09
C PRO B 19 10.67 -6.53 -7.37
N LEU B 20 10.03 -5.98 -8.38
CA LEU B 20 9.83 -6.78 -9.58
C LEU B 20 11.15 -7.01 -10.29
N ASN B 21 12.12 -6.15 -10.00
CA ASN B 21 13.43 -6.27 -10.61
C ASN B 21 14.60 -6.30 -9.61
N TRP B 22 14.42 -6.96 -8.48
CA TRP B 22 15.52 -7.01 -7.53
C TRP B 22 16.54 -8.04 -8.00
N TYR B 23 16.06 -9.11 -8.63
CA TYR B 23 16.93 -10.17 -9.12
C TYR B 23 17.86 -9.63 -10.19
N GLY B 24 17.32 -8.72 -11.00
CA GLY B 24 18.08 -8.09 -12.05
C GLY B 24 19.10 -7.10 -11.49
N LEU B 25 18.93 -6.75 -10.23
CA LEU B 25 19.90 -5.85 -9.58
C LEU B 25 21.20 -6.53 -9.16
N ASP B 26 21.13 -7.84 -8.95
CA ASP B 26 22.28 -8.61 -8.48
C ASP B 26 21.88 -10.07 -8.34
N GLU B 27 22.64 -10.96 -8.99
CA GLU B 27 22.29 -12.38 -9.04
C GLU B 27 22.10 -12.99 -7.65
N ALA B 28 22.58 -12.30 -6.62
CA ALA B 28 22.48 -12.80 -5.26
C ALA B 28 21.06 -12.70 -4.76
N ASN B 29 20.13 -12.36 -5.65
CA ASN B 29 18.75 -12.13 -5.24
C ASN B 29 17.76 -13.13 -5.84
N GLU B 30 18.30 -14.26 -6.31
CA GLU B 30 17.49 -15.33 -6.87
C GLU B 30 16.19 -15.60 -6.12
N ALA B 31 16.28 -15.65 -4.80
CA ALA B 31 15.10 -15.98 -4.00
C ALA B 31 13.97 -15.01 -4.30
N CYS B 32 14.32 -13.72 -4.40
CA CYS B 32 13.34 -12.67 -4.61
C CYS B 32 12.41 -13.07 -5.73
N ALA B 33 12.99 -13.68 -6.76
CA ALA B 33 12.24 -13.97 -7.97
C ALA B 33 11.92 -15.46 -8.15
N LYS B 34 12.72 -16.36 -7.58
CA LYS B 34 12.47 -17.79 -7.79
C LYS B 34 11.94 -18.49 -6.54
N GLY B 35 11.90 -17.80 -5.41
CA GLY B 35 11.49 -18.41 -4.16
C GLY B 35 10.02 -18.84 -4.10
N LYS B 36 9.77 -20.02 -3.57
CA LYS B 36 8.40 -20.49 -3.35
C LYS B 36 7.87 -20.20 -1.95
N HIS B 37 8.68 -19.56 -1.11
CA HIS B 37 8.25 -19.16 0.23
C HIS B 37 8.64 -17.72 0.50
N GLN B 38 8.25 -16.84 -0.40
CA GLN B 38 8.53 -15.44 -0.24
C GLN B 38 7.54 -14.71 0.68
N SER B 39 8.02 -13.61 1.28
CA SER B 39 7.22 -12.74 2.15
C SER B 39 7.20 -11.34 1.55
N PRO B 40 6.12 -10.57 1.82
CA PRO B 40 4.99 -10.82 2.71
C PRO B 40 3.95 -11.67 2.04
N ILE B 41 3.00 -12.15 2.82
CA ILE B 41 1.89 -12.89 2.26
C ILE B 41 0.58 -12.46 2.86
N VAL B 42 -0.52 -12.82 2.20
CA VAL B 42 -1.82 -12.52 2.76
C VAL B 42 -2.17 -13.62 3.73
N ILE B 43 -2.21 -13.26 5.00
CA ILE B 43 -2.53 -14.20 6.04
C ILE B 43 -4.01 -14.47 6.09
N ASP B 44 -4.36 -15.74 6.06
CA ASP B 44 -5.74 -16.13 6.21
C ASP B 44 -5.97 -16.58 7.64
N SER B 45 -6.49 -15.69 8.45
CA SER B 45 -6.64 -15.98 9.88
C SER B 45 -7.20 -17.37 10.24
N ALA B 46 -8.10 -17.91 9.44
CA ALA B 46 -8.68 -19.21 9.78
C ALA B 46 -7.87 -20.35 9.17
N ALA B 47 -6.74 -20.02 8.56
CA ALA B 47 -5.88 -21.05 8.00
C ALA B 47 -4.43 -21.15 8.56
N ILE B 48 -3.81 -20.04 8.98
CA ILE B 48 -2.43 -20.10 9.47
C ILE B 48 -2.36 -20.87 10.79
N ASP B 49 -1.12 -21.17 11.24
CA ASP B 49 -0.94 -21.72 12.58
C ASP B 49 -0.68 -20.58 13.53
N TYR B 50 -1.11 -20.77 14.76
CA TYR B 50 -0.88 -19.81 15.81
C TYR B 50 0.18 -20.38 16.70
N ALA B 51 1.21 -19.59 16.97
CA ALA B 51 2.24 -19.98 17.93
C ALA B 51 1.59 -20.60 19.17
N ALA B 52 2.01 -21.81 19.50
CA ALA B 52 1.44 -22.49 20.66
C ALA B 52 1.84 -21.77 21.93
N SER B 53 0.92 -21.73 22.90
CA SER B 53 1.16 -20.93 24.10
C SER B 53 2.37 -21.43 24.87
N GLY B 54 3.23 -20.49 25.24
CA GLY B 54 4.47 -20.83 25.94
C GLY B 54 5.56 -21.43 25.05
N SER B 55 5.37 -21.33 23.74
CA SER B 55 6.40 -21.79 22.81
C SER B 55 7.29 -20.61 22.48
N LEU B 56 6.84 -19.42 22.85
CA LEU B 56 7.49 -18.17 22.42
C LEU B 56 7.77 -17.28 23.60
N LYS B 57 9.04 -16.92 23.74
CA LYS B 57 9.48 -16.09 24.87
C LYS B 57 10.20 -14.86 24.32
N LEU B 58 9.57 -13.71 24.49
CA LEU B 58 10.15 -12.48 23.98
C LEU B 58 10.66 -11.63 25.11
N ASP B 59 11.96 -11.38 25.10
CA ASP B 59 12.62 -10.56 26.11
C ASP B 59 13.07 -9.19 25.53
N LEU B 60 12.52 -8.10 26.07
CA LEU B 60 12.94 -6.77 25.64
C LEU B 60 13.23 -5.86 26.81
N PRO B 61 14.51 -5.86 27.23
CA PRO B 61 14.95 -5.09 28.40
C PRO B 61 14.99 -3.61 28.09
N LEU B 62 14.72 -2.80 29.11
CA LEU B 62 14.79 -1.35 29.02
C LEU B 62 16.11 -0.93 28.35
N ALA B 63 16.00 0.02 27.43
CA ALA B 63 17.18 0.48 26.71
C ALA B 63 17.35 2.00 26.76
N ASP B 64 18.59 2.45 26.62
CA ASP B 64 18.87 3.87 26.56
C ASP B 64 18.59 4.32 25.14
N GLY B 65 18.66 5.63 24.90
CA GLY B 65 18.53 6.15 23.54
C GLY B 65 19.37 5.34 22.59
N SER B 66 18.84 5.08 21.39
CA SER B 66 19.57 4.25 20.45
C SER B 66 19.45 4.84 19.06
N LYS B 67 20.38 4.42 18.20
CA LYS B 67 20.52 4.93 16.86
C LYS B 67 19.24 4.72 16.04
N LEU B 68 18.53 5.81 15.77
CA LEU B 68 17.39 5.83 14.83
C LEU B 68 17.88 6.38 13.50
N GLU B 69 17.83 5.61 12.42
CA GLU B 69 18.38 6.13 11.17
C GLU B 69 17.43 6.16 9.96
N ASN B 70 17.61 7.21 9.16
CA ASN B 70 16.86 7.30 7.92
C ASN B 70 17.53 6.46 6.86
N LEU B 71 17.09 5.21 6.73
CA LEU B 71 17.62 4.31 5.70
C LEU B 71 17.53 4.84 4.28
N GLY B 72 16.57 5.75 4.03
CA GLY B 72 16.13 6.04 2.67
C GLY B 72 15.09 4.98 2.27
N PHE B 73 13.80 5.36 2.29
CA PHE B 73 12.73 4.38 2.16
C PHE B 73 12.78 3.38 3.30
N GLY B 74 12.96 3.91 4.51
CA GLY B 74 13.12 3.06 5.67
C GLY B 74 13.48 3.86 6.90
N LEU B 75 13.14 3.29 8.05
CA LEU B 75 13.33 3.93 9.34
C LEU B 75 13.61 2.80 10.32
N GLN B 76 14.85 2.77 10.81
CA GLN B 76 15.34 1.65 11.61
C GLN B 76 16.04 2.09 12.89
N VAL B 77 15.74 1.37 13.96
CA VAL B 77 16.37 1.57 15.24
C VAL B 77 17.33 0.43 15.44
N THR B 78 18.59 0.75 15.72
CA THR B 78 19.58 -0.30 16.02
C THR B 78 19.63 -0.59 17.51
N LEU B 79 19.38 -1.86 17.86
CA LEU B 79 19.34 -2.27 19.26
C LEU B 79 19.68 -3.75 19.41
N THR B 80 20.61 -4.04 20.33
CA THR B 80 21.16 -5.40 20.47
C THR B 80 20.91 -6.06 21.81
N ASN B 81 20.15 -5.38 22.67
CA ASN B 81 19.65 -6.01 23.88
C ASN B 81 18.21 -6.52 23.73
N GLY B 82 18.07 -7.80 23.39
CA GLY B 82 16.75 -8.44 23.32
C GLY B 82 16.79 -9.85 22.76
N SER B 83 15.86 -10.69 23.17
CA SER B 83 15.82 -12.04 22.60
C SER B 83 14.43 -12.62 22.32
N LEU B 84 14.42 -13.66 21.51
CA LEU B 84 13.22 -14.41 21.23
C LEU B 84 13.62 -15.87 21.30
N THR B 85 12.93 -16.62 22.15
CA THR B 85 13.21 -18.03 22.30
C THR B 85 12.06 -18.88 21.78
N ALA B 86 12.31 -19.52 20.65
CA ALA B 86 11.31 -20.38 20.00
C ALA B 86 11.59 -21.83 20.34
N ASN B 87 10.93 -22.31 21.40
CA ASN B 87 11.26 -23.62 21.97
C ASN B 87 12.70 -23.64 22.46
N SER B 88 13.56 -24.32 21.72
CA SER B 88 14.90 -24.54 22.23
C SER B 88 15.91 -23.60 21.61
N LYS B 89 15.46 -22.87 20.59
CA LYS B 89 16.35 -22.02 19.82
C LYS B 89 16.18 -20.56 20.20
N THR B 90 17.29 -19.89 20.52
CA THR B 90 17.27 -18.51 20.97
C THR B 90 17.85 -17.59 19.91
N TYR B 91 17.09 -16.58 19.51
CA TYR B 91 17.57 -15.57 18.57
C TYR B 91 17.79 -14.28 19.35
N THR B 92 18.83 -13.53 18.98
CA THR B 92 19.14 -12.31 19.69
C THR B 92 18.84 -11.12 18.77
N LEU B 93 18.46 -9.98 19.36
CA LEU B 93 17.91 -8.84 18.63
C LEU B 93 18.96 -8.01 17.89
N ALA B 94 18.71 -7.76 16.60
CA ALA B 94 19.67 -7.03 15.79
C ALA B 94 19.24 -5.59 15.61
N GLN B 95 17.95 -5.41 15.31
CA GLN B 95 17.35 -4.10 15.03
C GLN B 95 15.82 -4.22 14.87
N PHE B 96 15.11 -3.10 14.95
CA PHE B 96 13.71 -3.10 14.51
C PHE B 96 13.40 -1.92 13.59
N HIS B 97 12.41 -2.10 12.71
CA HIS B 97 12.14 -1.08 11.73
C HIS B 97 10.67 -1.08 11.24
N PHE B 98 10.37 -0.13 10.38
CA PHE B 98 8.98 0.14 10.06
C PHE B 98 8.75 0.13 8.59
N HIS B 99 7.54 -0.30 8.24
CA HIS B 99 7.04 -0.28 6.88
C HIS B 99 5.70 0.42 6.87
N THR B 100 5.50 1.18 5.81
CA THR B 100 4.27 1.88 5.59
C THR B 100 4.00 1.92 4.08
N PRO B 101 2.87 1.33 3.64
CA PRO B 101 1.86 0.62 4.43
C PRO B 101 2.42 -0.68 4.97
N SER B 102 1.59 -1.44 5.66
CA SER B 102 2.03 -2.75 6.14
C SER B 102 2.41 -3.58 4.95
N GLU B 103 3.11 -4.66 5.20
CA GLU B 103 3.54 -5.51 4.12
C GLU B 103 2.61 -6.71 4.09
N HIS B 104 2.34 -7.28 5.25
CA HIS B 104 1.38 -8.38 5.33
C HIS B 104 -0.02 -7.80 5.26
N HIS B 105 -0.99 -8.66 4.93
CA HIS B 105 -2.40 -8.32 5.01
C HIS B 105 -3.09 -9.45 5.77
N VAL B 106 -4.18 -9.13 6.46
CA VAL B 106 -4.96 -10.16 7.14
C VAL B 106 -6.37 -10.25 6.55
N ASN B 107 -6.74 -11.44 6.09
CA ASN B 107 -8.02 -11.62 5.42
C ASN B 107 -8.14 -10.55 4.35
N GLU B 108 -7.03 -10.34 3.66
CA GLU B 108 -6.81 -9.35 2.60
C GLU B 108 -6.71 -7.89 3.00
N GLU B 109 -6.95 -7.58 4.27
CA GLU B 109 -6.91 -6.18 4.71
C GLU B 109 -5.50 -5.70 5.08
N HIS B 110 -5.07 -4.59 4.49
CA HIS B 110 -3.79 -4.04 4.84
C HIS B 110 -3.92 -3.09 6.02
N PHE B 111 -2.78 -2.59 6.50
CA PHE B 111 -2.77 -1.62 7.58
C PHE B 111 -1.80 -0.53 7.25
N PRO B 112 -2.01 0.65 7.87
CA PRO B 112 -1.18 1.82 7.60
C PRO B 112 0.30 1.57 7.92
N MET B 113 0.61 0.72 8.90
CA MET B 113 2.00 0.50 9.31
C MET B 113 2.30 -0.88 9.86
N GLU B 114 3.53 -1.32 9.66
CA GLU B 114 4.01 -2.58 10.24
C GLU B 114 5.41 -2.41 10.85
N VAL B 115 5.64 -2.95 12.05
CA VAL B 115 7.00 -3.02 12.66
C VAL B 115 7.61 -4.41 12.61
N HIS B 116 8.90 -4.44 12.34
CA HIS B 116 9.64 -5.67 12.26
C HIS B 116 10.78 -5.66 13.26
N PHE B 117 10.71 -6.58 14.21
CA PHE B 117 11.83 -6.80 15.12
C PHE B 117 12.57 -7.99 14.58
N VAL B 118 13.82 -7.76 14.22
CA VAL B 118 14.66 -8.80 13.61
C VAL B 118 15.68 -9.44 14.57
N PHE B 119 15.59 -10.76 14.70
CA PHE B 119 16.46 -11.51 15.60
C PHE B 119 17.27 -12.55 14.83
N GLN B 120 18.44 -12.89 15.36
CA GLN B 120 19.31 -13.86 14.73
C GLN B 120 19.97 -14.79 15.72
N THR B 121 20.44 -15.92 15.20
CA THR B 121 21.35 -16.79 15.96
C THR B 121 22.77 -16.72 15.38
N ALA B 122 23.70 -17.40 16.05
CA ALA B 122 25.07 -17.48 15.56
C ALA B 122 25.13 -18.25 14.24
N ALA B 123 24.14 -19.12 14.02
CA ALA B 123 23.98 -19.78 12.72
C ALA B 123 23.36 -18.86 11.67
N LYS B 124 23.19 -17.57 12.01
CA LYS B 124 22.54 -16.64 11.08
C LYS B 124 21.16 -17.15 10.58
N GLU B 125 20.49 -17.94 11.41
CA GLU B 125 19.09 -18.26 11.21
C GLU B 125 18.36 -17.03 11.72
N THR B 126 17.28 -16.66 11.06
CA THR B 126 16.54 -15.45 11.42
C THR B 126 15.14 -15.77 11.90
N ALA B 127 14.64 -14.90 12.79
CA ALA B 127 13.24 -14.90 13.19
C ALA B 127 12.76 -13.45 13.29
N VAL B 128 11.49 -13.21 12.98
CA VAL B 128 10.91 -11.86 13.13
C VAL B 128 9.72 -11.81 14.07
N VAL B 129 9.63 -10.72 14.81
CA VAL B 129 8.40 -10.42 15.51
C VAL B 129 7.87 -9.13 14.91
N GLY B 130 6.65 -9.22 14.38
CA GLY B 130 6.02 -8.08 13.74
C GLY B 130 4.80 -7.60 14.50
N PHE B 131 4.49 -6.32 14.34
CA PHE B 131 3.20 -5.81 14.83
C PHE B 131 2.52 -4.97 13.78
N PHE B 132 1.20 -5.07 13.77
CA PHE B 132 0.40 -4.27 12.86
C PHE B 132 -0.05 -3.01 13.57
N PHE B 133 -0.13 -1.91 12.84
CA PHE B 133 -0.67 -0.67 13.39
C PHE B 133 -2.04 -0.36 12.82
N GLN B 134 -2.94 0.16 13.64
CA GLN B 134 -4.21 0.65 13.12
C GLN B 134 -4.55 2.03 13.66
N LEU B 135 -4.90 2.96 12.78
CA LEU B 135 -5.18 4.32 13.22
C LEU B 135 -6.21 4.32 14.33
N SER B 136 -5.90 5.02 15.42
CA SER B 136 -6.82 5.11 16.54
C SER B 136 -7.78 6.26 16.39
N GLU B 137 -9.07 5.95 16.43
CA GLU B 137 -10.12 6.95 16.35
C GLU B 137 -9.95 8.02 17.42
N VAL B 138 -9.64 7.57 18.64
CA VAL B 138 -9.62 8.41 19.84
C VAL B 138 -8.29 9.07 20.17
N GLY B 139 -7.31 8.97 19.27
CA GLY B 139 -6.01 9.58 19.48
C GLY B 139 -5.02 8.78 20.31
N ASP B 140 -5.34 7.53 20.60
CA ASP B 140 -4.50 6.64 21.40
C ASP B 140 -3.14 6.28 20.78
N SER B 141 -2.15 6.03 21.62
CA SER B 141 -0.80 5.77 21.12
C SER B 141 -0.06 4.74 21.92
N VAL B 142 1.04 4.27 21.35
CA VAL B 142 1.99 3.44 22.07
C VAL B 142 3.22 4.29 22.50
N PRO B 143 3.28 4.64 23.80
CA PRO B 143 4.34 5.51 24.30
C PRO B 143 5.71 5.05 23.80
N LEU B 144 5.92 3.74 23.78
CA LEU B 144 7.19 3.22 23.28
C LEU B 144 7.52 3.83 21.94
N PHE B 145 6.60 3.68 21.00
CA PHE B 145 6.80 4.15 19.63
C PHE B 145 6.72 5.66 19.50
N ASP B 146 6.00 6.29 20.42
CA ASP B 146 6.04 7.74 20.48
C ASP B 146 7.50 8.09 20.73
N SER B 147 8.08 7.41 21.72
CA SER B 147 9.46 7.64 22.10
C SER B 147 10.35 7.42 20.90
N VAL B 148 10.14 6.32 20.17
CA VAL B 148 10.91 6.09 18.95
C VAL B 148 10.74 7.20 17.91
N PHE B 149 9.51 7.64 17.69
CA PHE B 149 9.26 8.56 16.59
C PHE B 149 9.62 10.01 16.91
N ALA B 150 9.68 10.33 18.20
CA ALA B 150 10.01 11.68 18.67
C ALA B 150 11.04 12.47 17.85
N PRO B 151 12.22 11.88 17.55
CA PRO B 151 13.34 12.59 16.92
C PRO B 151 13.31 12.64 15.39
N ILE B 152 12.24 12.19 14.75
CA ILE B 152 12.26 12.05 13.30
C ILE B 152 12.66 13.36 12.61
N ASP B 153 12.37 14.49 13.26
CA ASP B 153 12.62 15.78 12.65
C ASP B 153 14.12 16.00 12.39
N ASN B 154 14.94 15.10 12.93
CA ASN B 154 16.38 15.28 12.88
C ASN B 154 16.99 14.53 11.72
N ILE B 155 16.20 13.65 11.11
CA ILE B 155 16.76 12.81 10.07
C ILE B 155 16.00 12.80 8.74
N PRO B 156 15.80 14.00 8.14
CA PRO B 156 15.04 14.12 6.90
C PRO B 156 15.74 13.50 5.71
N ASP B 157 17.07 13.60 5.69
CA ASP B 157 17.84 12.98 4.61
C ASP B 157 18.08 11.50 4.83
N ALA B 158 18.13 10.76 3.72
CA ALA B 158 18.59 9.38 3.76
C ALA B 158 20.02 9.39 4.22
N GLY B 159 20.42 8.35 4.95
CA GLY B 159 21.80 8.20 5.36
C GLY B 159 22.19 8.98 6.60
N THR B 160 21.26 9.74 7.16
CA THR B 160 21.52 10.44 8.41
C THR B 160 20.93 9.65 9.58
N SER B 161 21.42 9.91 10.79
CA SER B 161 20.99 9.17 11.98
C SER B 161 20.78 10.12 13.14
N THR B 162 20.18 9.61 14.21
CA THR B 162 19.93 10.38 15.42
C THR B 162 19.71 9.39 16.56
N THR B 163 19.16 9.88 17.67
CA THR B 163 19.06 9.06 18.87
C THR B 163 17.70 9.20 19.52
N THR B 164 17.07 8.07 19.77
CA THR B 164 15.78 8.06 20.44
C THR B 164 15.88 8.36 21.94
N GLY B 165 14.72 8.43 22.57
CA GLY B 165 14.69 8.57 24.01
C GLY B 165 14.90 7.21 24.64
N GLN B 166 14.64 7.13 25.94
CA GLN B 166 14.64 5.84 26.58
C GLN B 166 13.51 4.98 26.04
N LEU B 167 13.84 3.75 25.68
CA LEU B 167 12.88 2.83 25.10
C LEU B 167 12.41 1.80 26.12
N ASP B 168 11.17 1.91 26.56
CA ASP B 168 10.61 1.02 27.56
C ASP B 168 9.52 0.17 26.90
N PHE B 169 9.82 -1.13 26.74
CA PHE B 169 8.98 -2.08 26.05
C PHE B 169 7.94 -2.79 26.93
N GLY B 170 7.71 -2.25 28.12
CA GLY B 170 6.76 -2.86 29.04
C GLY B 170 5.42 -3.11 28.37
N GLY B 171 4.91 -2.09 27.70
CA GLY B 171 3.59 -2.19 27.11
C GLY B 171 3.58 -3.13 25.93
N LEU B 172 4.52 -2.92 25.01
CA LEU B 172 4.60 -3.74 23.80
C LEU B 172 4.61 -5.20 24.24
N LEU B 173 5.57 -5.49 25.11
CA LEU B 173 5.79 -6.82 25.66
C LEU B 173 4.44 -7.45 25.99
N ASP B 174 3.68 -6.85 26.87
CA ASP B 174 2.63 -7.70 27.39
C ASP B 174 1.39 -7.63 26.53
N HIS B 175 1.41 -6.71 25.58
CA HIS B 175 0.50 -6.78 24.45
C HIS B 175 0.81 -8.07 23.69
N PHE B 176 2.07 -8.24 23.31
CA PHE B 176 2.48 -9.43 22.60
C PHE B 176 2.08 -10.68 23.38
N ASN B 177 2.09 -10.57 24.70
CA ASN B 177 1.83 -11.75 25.50
C ASN B 177 0.36 -12.02 25.70
N ARG B 178 -0.44 -10.96 25.65
CA ARG B 178 -1.88 -11.09 25.81
C ARG B 178 -2.64 -11.47 24.51
N HIS B 179 -1.93 -11.62 23.40
CA HIS B 179 -2.60 -11.91 22.14
C HIS B 179 -1.99 -13.06 21.36
N GLY B 180 -2.76 -13.55 20.40
CA GLY B 180 -2.33 -14.63 19.54
C GLY B 180 -1.15 -14.21 18.68
N VAL B 181 -0.53 -15.18 18.03
CA VAL B 181 0.62 -14.90 17.21
C VAL B 181 0.55 -15.75 15.95
N TYR B 182 0.24 -15.09 14.84
CA TYR B 182 0.23 -15.74 13.54
C TYR B 182 1.63 -16.20 13.32
N GLN B 183 1.79 -17.43 12.85
CA GLN B 183 3.11 -18.00 12.68
C GLN B 183 3.25 -18.70 11.33
N TYR B 184 4.36 -18.44 10.65
CA TYR B 184 4.63 -19.16 9.41
C TYR B 184 6.11 -19.00 9.03
N THR B 185 6.54 -19.77 8.04
CA THR B 185 7.93 -19.78 7.66
C THR B 185 8.07 -19.20 6.28
N GLY B 186 8.71 -18.04 6.18
CA GLY B 186 8.81 -17.34 4.93
C GLY B 186 10.20 -16.79 4.66
N SER B 187 10.30 -15.49 4.43
CA SER B 187 11.52 -14.92 3.93
C SER B 187 11.73 -13.50 4.43
N LEU B 188 12.86 -12.91 4.05
CA LEU B 188 13.09 -11.49 4.20
C LEU B 188 12.29 -10.72 3.17
N THR B 189 11.72 -9.59 3.55
CA THR B 189 10.94 -8.81 2.60
C THR B 189 11.81 -7.79 1.90
N THR B 190 13.12 -7.92 2.07
CA THR B 190 14.06 -7.11 1.31
C THR B 190 15.15 -8.03 0.79
N PRO B 191 15.87 -7.59 -0.24
CA PRO B 191 16.91 -8.41 -0.86
C PRO B 191 17.97 -8.77 0.17
N PRO B 192 18.45 -10.02 0.14
CA PRO B 192 18.12 -10.96 -0.92
C PRO B 192 16.99 -11.91 -0.55
N CYS B 193 16.00 -11.44 0.20
CA CYS B 193 14.78 -12.23 0.40
C CYS B 193 15.11 -13.65 0.82
N THR B 194 16.15 -13.79 1.63
CA THR B 194 16.60 -15.09 2.06
C THR B 194 15.47 -15.86 2.72
N GLU B 195 15.32 -17.15 2.38
CA GLU B 195 14.19 -17.88 2.93
C GLU B 195 14.51 -18.50 4.29
N GLU B 196 13.54 -19.22 4.84
CA GLU B 196 13.70 -19.87 6.14
C GLU B 196 13.63 -18.89 7.31
N VAL B 197 12.93 -17.77 7.12
CA VAL B 197 12.68 -16.84 8.21
C VAL B 197 11.49 -17.28 9.06
N MET B 198 11.63 -17.17 10.37
CA MET B 198 10.53 -17.57 11.23
C MET B 198 9.66 -16.35 11.53
N TRP B 199 8.45 -16.36 10.98
CA TRP B 199 7.56 -15.20 11.09
C TRP B 199 6.60 -15.32 12.26
N ASN B 200 6.61 -14.30 13.11
CA ASN B 200 5.69 -14.27 14.23
C ASN B 200 5.06 -12.90 14.28
N LEU B 201 3.76 -12.87 14.03
CA LEU B 201 3.04 -11.62 13.88
C LEU B 201 1.94 -11.55 14.90
N SER B 202 1.96 -10.53 15.74
CA SER B 202 0.93 -10.34 16.75
C SER B 202 -0.42 -10.19 16.06
N THR B 203 -1.45 -10.90 16.53
CA THR B 203 -2.73 -10.84 15.83
C THR B 203 -3.52 -9.55 16.04
N GLU B 204 -3.06 -8.70 16.95
CA GLU B 204 -3.84 -7.55 17.36
C GLU B 204 -3.08 -6.25 17.22
N PRO B 205 -3.55 -5.37 16.35
CA PRO B 205 -2.84 -4.16 15.96
C PRO B 205 -2.65 -3.15 17.09
N LEU B 206 -1.54 -2.42 17.02
CA LEU B 206 -1.26 -1.36 17.96
C LEU B 206 -1.90 -0.05 17.50
N PRO B 207 -2.26 0.81 18.46
CA PRO B 207 -2.82 2.14 18.21
C PRO B 207 -1.81 2.98 17.50
N LEU B 208 -2.27 3.79 16.56
CA LEU B 208 -1.42 4.73 15.85
C LEU B 208 -2.18 6.04 15.71
N THR B 209 -1.47 7.16 15.77
CA THR B 209 -2.10 8.48 15.69
C THR B 209 -1.85 9.10 14.34
N VAL B 210 -2.78 9.92 13.87
CA VAL B 210 -2.63 10.58 12.58
C VAL B 210 -1.28 11.30 12.56
N GLN B 211 -1.00 12.03 13.64
CA GLN B 211 0.22 12.83 13.69
C GLN B 211 1.44 11.97 13.38
N GLY B 212 1.53 10.85 14.10
CA GLY B 212 2.60 9.89 13.95
C GLY B 212 2.68 9.27 12.57
N TYR B 213 1.54 8.76 12.09
CA TYR B 213 1.42 8.17 10.74
C TYR B 213 1.94 9.09 9.64
N ASN B 214 1.50 10.34 9.67
CA ASN B 214 1.92 11.27 8.64
C ASN B 214 3.40 11.59 8.76
N LYS B 215 3.85 11.85 9.99
CA LYS B 215 5.27 12.09 10.27
C LYS B 215 6.14 11.01 9.62
N VAL B 216 5.78 9.76 9.87
CA VAL B 216 6.57 8.63 9.42
C VAL B 216 6.46 8.49 7.91
N LYS B 217 5.21 8.49 7.42
CA LYS B 217 4.95 8.30 6.00
C LYS B 217 5.78 9.28 5.16
N LYS B 218 5.90 10.50 5.65
CA LYS B 218 6.65 11.53 4.93
C LYS B 218 8.13 11.17 4.85
N ILE B 219 8.67 10.57 5.91
CA ILE B 219 10.06 10.11 5.89
C ILE B 219 10.25 8.84 5.05
N ILE B 220 9.41 7.84 5.30
CA ILE B 220 9.61 6.55 4.65
C ILE B 220 9.16 6.56 3.20
N LYS B 221 8.08 7.31 2.96
CA LYS B 221 7.47 7.48 1.64
C LYS B 221 6.59 6.30 1.17
N TYR B 222 7.22 5.16 0.91
CA TYR B 222 6.51 3.93 0.63
C TYR B 222 7.59 2.89 0.60
N ASN B 223 7.40 1.79 1.31
CA ASN B 223 8.46 0.80 1.40
C ASN B 223 7.96 -0.60 1.64
N ALA B 224 6.88 -0.96 0.95
CA ALA B 224 6.29 -2.27 1.15
C ALA B 224 6.40 -3.13 -0.09
N ARG B 225 6.84 -4.36 0.11
CA ARG B 225 6.86 -5.36 -0.95
C ARG B 225 5.44 -5.88 -1.24
N TYR B 226 5.06 -5.92 -2.50
CA TYR B 226 3.79 -6.50 -2.86
C TYR B 226 3.67 -7.91 -2.26
N THR B 227 2.45 -8.39 -2.01
CA THR B 227 2.26 -9.72 -1.44
C THR B 227 2.55 -10.86 -2.42
N GLN B 228 2.86 -12.04 -1.91
CA GLN B 228 3.41 -13.11 -2.73
C GLN B 228 2.40 -14.20 -3.05
N ASN B 229 2.84 -15.18 -3.83
CA ASN B 229 2.02 -16.33 -4.10
C ASN B 229 1.87 -17.06 -2.77
N ALA B 230 1.07 -18.10 -2.74
CA ALA B 230 0.88 -18.84 -1.52
C ALA B 230 2.15 -19.61 -1.29
N LEU B 231 2.29 -20.13 -0.08
CA LEU B 231 3.52 -20.77 0.33
C LEU B 231 3.67 -22.08 -0.41
N GLY B 232 4.86 -22.32 -0.93
CA GLY B 232 5.12 -23.51 -1.73
C GLY B 232 4.84 -23.25 -3.21
N GLN B 233 3.90 -22.37 -3.51
CA GLN B 233 3.56 -22.05 -4.89
C GLN B 233 4.66 -21.26 -5.56
N ASP B 234 4.75 -21.40 -6.88
CA ASP B 234 5.79 -20.72 -7.65
C ASP B 234 5.82 -19.23 -7.39
N ASN B 235 7.02 -18.69 -7.25
CA ASN B 235 7.15 -17.26 -7.12
C ASN B 235 6.29 -16.70 -8.23
N LEU B 236 5.43 -15.75 -7.90
CA LEU B 236 4.52 -15.31 -8.92
C LEU B 236 5.15 -14.28 -9.85
N LEU B 237 6.48 -14.36 -10.01
CA LEU B 237 7.15 -13.68 -11.12
C LEU B 237 7.50 -14.75 -12.15
N GLU B 238 7.91 -15.91 -11.67
CA GLU B 238 8.17 -17.03 -12.54
C GLU B 238 6.86 -17.44 -13.19
N VAL B 239 5.76 -17.27 -12.46
CA VAL B 239 4.43 -17.51 -13.01
C VAL B 239 4.17 -16.57 -14.18
N ALA B 240 4.41 -15.29 -13.94
CA ALA B 240 4.26 -14.28 -14.99
C ALA B 240 5.22 -14.48 -16.16
N ALA B 241 6.27 -15.25 -15.94
CA ALA B 241 7.34 -15.38 -16.93
C ALA B 241 6.98 -16.36 -18.02
N GLN B 242 6.02 -17.24 -17.73
CA GLN B 242 5.40 -18.04 -18.78
C GLN B 242 4.54 -17.03 -19.47
N LYS B 243 4.76 -16.85 -20.76
CA LYS B 243 4.32 -15.66 -21.49
C LYS B 243 5.51 -14.68 -21.53
N LEU B 244 6.49 -15.05 -22.34
CA LEU B 244 6.37 -16.33 -23.06
C LEU B 244 7.39 -17.39 -22.62
ZN ZN C . -9.54 3.14 -10.03
C1 NAG D . -29.34 13.47 -13.84
C2 NAG D . -30.06 13.30 -12.49
C3 NAG D . -31.58 13.42 -12.54
C4 NAG D . -32.09 14.53 -13.50
C5 NAG D . -31.36 14.43 -14.82
C6 NAG D . -31.69 15.67 -15.66
C7 NAG D . -29.39 11.99 -10.52
C8 NAG D . -29.51 10.65 -9.85
N2 NAG D . -29.70 12.05 -11.83
O3 NAG D . -31.96 13.69 -11.20
O4 NAG D . -33.51 14.51 -13.68
O5 NAG D . -29.95 14.47 -14.62
O6 NAG D . -31.06 16.77 -15.05
O7 NAG D . -28.99 12.97 -9.86
C1 MLT E . -11.64 1.20 -13.43
O1 MLT E . -12.78 1.37 -12.95
O2 MLT E . -11.53 0.57 -14.51
C2 MLT E . -10.41 1.76 -12.75
O3 MLT E . -9.72 0.86 -11.89
C3 MLT E . -9.43 2.46 -13.67
C4 MLT E . -9.37 3.80 -13.02
O4 MLT E . -8.90 4.80 -13.63
O5 MLT E . -9.84 3.93 -11.86
ZN ZN F . 10.98 -5.23 7.36
C1 NAG G . 22.66 -3.54 26.77
C2 NAG G . 22.58 -2.06 27.09
C3 NAG G . 23.77 -1.55 27.90
C4 NAG G . 24.22 -2.48 29.04
C5 NAG G . 24.19 -3.95 28.63
C6 NAG G . 24.25 -4.90 29.83
C7 NAG G . 21.56 -0.25 25.76
C8 NAG G . 21.78 0.70 24.63
N2 NAG G . 22.43 -1.26 25.87
O3 NAG G . 23.39 -0.27 28.37
O4 NAG G . 25.52 -2.14 29.48
O5 NAG G . 23.00 -4.29 27.94
O6 NAG G . 23.21 -4.65 30.76
O7 NAG G . 20.60 -0.05 26.53
C1 MLT H . 15.53 -6.25 7.01
O1 MLT H . 16.38 -7.12 6.67
O2 MLT H . 15.94 -5.22 7.61
C2 MLT H . 14.06 -6.48 6.72
O3 MLT H . 13.63 -5.89 5.50
C3 MLT H . 13.62 -7.94 6.70
C4 MLT H . 12.23 -7.91 7.26
O4 MLT H . 11.92 -8.64 8.22
O5 MLT H . 11.39 -7.11 6.77
#